data_4KF8
#
_entry.id   4KF8
#
_cell.length_a   64.298
_cell.length_b   66.651
_cell.length_c   162.262
_cell.angle_alpha   90.00
_cell.angle_beta   90.00
_cell.angle_gamma   90.00
#
_symmetry.space_group_name_H-M   'P 21 21 21'
#
_entity_poly.entity_id   1
_entity_poly.type   'polypeptide(L)'
_entity_poly.pdbx_seq_one_letter_code
;SLLPKDISQLLSLVSATINGVDNPWSKDQISYFRTLLKVLFVVLRGTKHSNNAAPQKPTAESPVAVTQLVLTTLDRVVAR
SFRNLAALVHEPDAATTPEDLALITAILQACLSVPGIEQCQLQVLNI(MSE)SSHNVLQVATSLFSWSDRLAEKGDPIYG
ELALLLLLELSALPALAEQLACDGLLGHLTSANLAGF(MSE)RRANVSPFTDNAGAARCYAIWAKGILPLLLNILGALGA
TIAPEVAFVLNQFPNLLRSSVDRLEAPGLSRTVPLSSRDAPGAGPHYFVALVALSEVHSLALLTRVLAALRSGNARDIPE
VVWDSGAVLENVEFWLASRKVLRERLLPLNPREAEWRG(MSE)KASEGSGCETKLEEKAVGLLEGIRDVLAEEEE
;
_entity_poly.pdbx_strand_id   A,B
#
# COMPACT_ATOMS: atom_id res chain seq x y z
N SER A 1 -26.18 -4.52 25.23
CA SER A 1 -25.44 -3.50 24.48
C SER A 1 -26.04 -3.29 23.09
N LEU A 2 -25.94 -2.05 22.59
CA LEU A 2 -26.46 -1.71 21.27
C LEU A 2 -25.36 -1.78 20.22
N LEU A 3 -25.65 -1.24 19.03
CA LEU A 3 -24.69 -1.21 17.95
C LEU A 3 -23.68 -0.08 18.15
N PRO A 4 -22.40 -0.35 17.81
CA PRO A 4 -21.33 0.64 17.99
C PRO A 4 -21.55 1.90 17.15
N LYS A 5 -21.51 3.05 17.81
CA LYS A 5 -21.70 4.33 17.13
C LYS A 5 -20.40 5.13 17.18
N ASP A 6 -19.59 4.88 18.20
CA ASP A 6 -18.29 5.51 18.34
C ASP A 6 -17.20 4.63 17.75
N ILE A 7 -16.04 5.22 17.50
CA ILE A 7 -14.89 4.48 17.00
C ILE A 7 -14.30 3.63 18.12
N SER A 8 -14.55 4.04 19.35
CA SER A 8 -14.07 3.32 20.52
C SER A 8 -14.94 2.10 20.81
N GLN A 9 -16.24 2.26 20.62
CA GLN A 9 -17.18 1.15 20.79
C GLN A 9 -16.98 0.12 19.69
N LEU A 10 -16.52 0.59 18.54
CA LEU A 10 -16.21 -0.29 17.42
C LEU A 10 -14.96 -1.08 17.76
N LEU A 11 -14.01 -0.42 18.42
CA LEU A 11 -12.76 -1.04 18.83
C LEU A 11 -13.00 -2.08 19.91
N SER A 12 -13.90 -1.78 20.83
CA SER A 12 -14.27 -2.72 21.89
C SER A 12 -14.87 -3.98 21.30
N LEU A 13 -15.81 -3.80 20.37
CA LEU A 13 -16.55 -4.90 19.78
C LEU A 13 -15.65 -5.80 18.93
N VAL A 14 -14.73 -5.19 18.19
CA VAL A 14 -13.80 -5.94 17.35
C VAL A 14 -12.81 -6.71 18.21
N SER A 15 -12.34 -6.05 19.27
CA SER A 15 -11.40 -6.68 20.20
C SER A 15 -12.09 -7.78 21.02
N ALA A 16 -13.31 -7.53 21.46
CA ALA A 16 -14.07 -8.55 22.17
C ALA A 16 -14.30 -9.76 21.27
N THR A 17 -14.38 -9.50 19.97
CA THR A 17 -14.63 -10.56 18.99
C THR A 17 -13.37 -11.38 18.70
N ILE A 18 -12.21 -10.74 18.74
CA ILE A 18 -10.95 -11.43 18.48
C ILE A 18 -10.63 -12.46 19.58
N ASN A 19 -10.96 -12.12 20.82
CA ASN A 19 -10.70 -13.01 21.94
C ASN A 19 -11.64 -14.20 21.93
N GLY A 20 -12.80 -14.04 21.29
CA GLY A 20 -13.79 -15.09 21.23
C GLY A 20 -13.37 -16.25 20.36
N VAL A 21 -12.47 -15.99 19.41
CA VAL A 21 -12.01 -17.03 18.50
C VAL A 21 -11.25 -18.12 19.25
N ASP A 22 -11.82 -19.31 19.27
CA ASP A 22 -11.31 -20.43 20.06
C ASP A 22 -9.85 -20.77 19.74
N ASN A 23 -9.61 -21.19 18.50
CA ASN A 23 -8.27 -21.60 18.10
C ASN A 23 -7.79 -20.86 16.86
N PRO A 24 -7.07 -19.74 17.07
CA PRO A 24 -6.48 -18.96 15.98
C PRO A 24 -5.35 -19.73 15.33
N TRP A 25 -5.04 -19.40 14.07
CA TRP A 25 -3.91 -19.98 13.33
C TRP A 25 -4.06 -21.47 13.05
N SER A 26 -5.21 -22.01 13.41
CA SER A 26 -5.52 -23.41 13.13
C SER A 26 -5.93 -23.51 11.67
N LYS A 27 -5.47 -24.57 11.00
CA LYS A 27 -5.72 -24.79 9.57
C LYS A 27 -7.15 -24.40 9.17
N ASP A 28 -8.11 -24.79 9.99
CA ASP A 28 -9.49 -24.34 9.83
C ASP A 28 -9.72 -23.10 10.71
N GLN A 29 -10.21 -22.04 10.07
CA GLN A 29 -10.52 -20.73 10.69
C GLN A 29 -9.32 -19.77 10.85
N ILE A 30 -8.17 -20.16 10.28
CA ILE A 30 -7.04 -19.23 10.22
C ILE A 30 -7.33 -18.06 9.29
N SER A 31 -8.13 -18.31 8.25
CA SER A 31 -8.47 -17.30 7.27
C SER A 31 -9.46 -16.28 7.82
N TYR A 32 -10.36 -16.74 8.68
CA TYR A 32 -11.30 -15.83 9.33
C TYR A 32 -10.58 -14.95 10.35
N PHE A 33 -9.61 -15.53 11.04
CA PHE A 33 -8.78 -14.77 11.97
C PHE A 33 -7.98 -13.71 11.21
N ARG A 34 -7.49 -14.09 10.03
CA ARG A 34 -6.72 -13.19 9.17
C ARG A 34 -7.46 -11.90 8.79
N THR A 35 -8.77 -11.98 8.61
CA THR A 35 -9.53 -10.79 8.21
C THR A 35 -10.05 -10.02 9.42
N LEU A 36 -10.19 -10.70 10.55
CA LEU A 36 -10.48 -10.03 11.81
C LEU A 36 -9.34 -9.08 12.16
N LEU A 37 -8.12 -9.56 11.98
CA LEU A 37 -6.93 -8.76 12.23
C LEU A 37 -6.86 -7.57 11.29
N LYS A 38 -7.32 -7.79 10.05
CA LYS A 38 -7.37 -6.74 9.05
C LYS A 38 -8.45 -5.71 9.37
N VAL A 39 -9.51 -6.17 10.03
CA VAL A 39 -10.56 -5.27 10.48
C VAL A 39 -10.05 -4.46 11.65
N LEU A 40 -9.28 -5.11 12.52
CA LEU A 40 -8.63 -4.43 13.65
C LEU A 40 -7.69 -3.33 13.16
N PHE A 41 -6.87 -3.66 12.15
CA PHE A 41 -5.94 -2.69 11.58
C PHE A 41 -6.64 -1.46 11.01
N VAL A 42 -7.76 -1.67 10.34
CA VAL A 42 -8.53 -0.55 9.78
C VAL A 42 -9.07 0.35 10.89
N VAL A 43 -9.69 -0.25 11.89
CA VAL A 43 -10.22 0.49 13.04
C VAL A 43 -9.13 1.28 13.76
N LEU A 44 -8.00 0.61 14.02
CA LEU A 44 -6.87 1.24 14.69
C LEU A 44 -6.32 2.45 13.93
N ARG A 45 -6.19 2.31 12.62
CA ARG A 45 -5.80 3.44 11.77
C ARG A 45 -6.91 4.48 11.79
N GLY A 46 -8.14 4.03 11.97
CA GLY A 46 -9.29 4.92 12.00
C GLY A 46 -9.37 5.68 13.30
N THR A 47 -8.57 5.28 14.29
CA THR A 47 -8.55 5.96 15.58
C THR A 47 -7.69 7.21 15.55
N LYS A 48 -8.08 8.16 14.70
CA LYS A 48 -7.49 9.49 14.74
C LYS A 48 -8.43 10.36 15.57
N HIS A 49 -9.43 9.71 16.16
CA HIS A 49 -10.50 10.37 16.92
C HIS A 49 -11.24 11.38 16.04
N SER A 50 -11.20 11.17 14.74
CA SER A 50 -11.80 12.09 13.78
C SER A 50 -13.32 11.99 13.81
N VAL A 66 -10.41 4.07 25.80
CA VAL A 66 -10.10 4.34 24.40
C VAL A 66 -8.63 4.04 24.13
N THR A 67 -7.76 4.50 25.02
CA THR A 67 -6.35 4.17 24.96
C THR A 67 -6.11 2.87 25.75
N GLN A 68 -7.05 2.57 26.64
CA GLN A 68 -7.00 1.34 27.43
C GLN A 68 -7.20 0.13 26.54
N LEU A 69 -8.07 0.28 25.55
CA LEU A 69 -8.34 -0.80 24.59
C LEU A 69 -7.09 -1.12 23.79
N VAL A 70 -6.37 -0.08 23.37
CA VAL A 70 -5.16 -0.25 22.58
C VAL A 70 -4.09 -1.01 23.37
N LEU A 71 -3.98 -0.71 24.65
CA LEU A 71 -3.05 -1.42 25.52
C LEU A 71 -3.50 -2.85 25.78
N THR A 72 -4.82 -3.05 25.83
CA THR A 72 -5.37 -4.39 25.99
C THR A 72 -5.12 -5.19 24.72
N THR A 73 -5.06 -4.50 23.58
CA THR A 73 -4.83 -5.13 22.29
C THR A 73 -3.38 -5.56 22.14
N LEU A 74 -2.47 -4.76 22.69
CA LEU A 74 -1.03 -5.03 22.59
C LEU A 74 -0.61 -6.33 23.25
N ASP A 75 -1.33 -6.74 24.30
CA ASP A 75 -1.02 -8.00 24.96
C ASP A 75 -1.80 -9.15 24.34
N ARG A 76 -3.12 -9.03 24.37
CA ARG A 76 -4.02 -10.11 23.96
C ARG A 76 -3.94 -10.41 22.46
N VAL A 77 -3.58 -9.41 21.66
CA VAL A 77 -3.49 -9.62 20.21
C VAL A 77 -2.05 -9.69 19.68
N VAL A 78 -1.30 -8.61 19.82
CA VAL A 78 0.00 -8.49 19.16
C VAL A 78 1.10 -9.39 19.75
N ALA A 79 1.29 -9.33 21.05
CA ALA A 79 2.33 -10.13 21.70
C ALA A 79 2.05 -11.62 21.59
N ARG A 80 0.82 -12.01 21.93
CA ARG A 80 0.41 -13.42 21.93
C ARG A 80 0.55 -14.08 20.56
N SER A 81 0.24 -13.33 19.50
CA SER A 81 0.25 -13.88 18.16
C SER A 81 1.66 -14.17 17.66
N PHE A 82 2.59 -13.25 17.94
CA PHE A 82 3.98 -13.42 17.52
C PHE A 82 4.60 -14.65 18.17
N ARG A 83 4.21 -14.92 19.42
CA ARG A 83 4.62 -16.12 20.13
C ARG A 83 4.25 -17.37 19.35
N ASN A 84 3.05 -17.35 18.77
CA ASN A 84 2.56 -18.48 17.99
C ASN A 84 3.26 -18.57 16.64
N LEU A 85 3.67 -17.43 16.11
CA LEU A 85 4.26 -17.36 14.76
C LEU A 85 5.62 -18.05 14.62
N ALA A 86 6.13 -18.57 15.73
CA ALA A 86 7.35 -19.38 15.67
C ALA A 86 6.98 -20.82 15.31
N ALA A 87 5.76 -21.00 14.83
CA ALA A 87 5.29 -22.31 14.38
C ALA A 87 5.73 -22.59 12.95
N LEU A 88 6.70 -23.48 12.81
CA LEU A 88 7.12 -23.97 11.51
C LEU A 88 6.84 -25.47 11.44
N VAL A 89 5.87 -25.92 12.21
CA VAL A 89 5.54 -27.33 12.32
C VAL A 89 4.80 -27.82 11.07
N ALA A 94 2.20 -24.98 9.29
CA ALA A 94 0.89 -24.97 9.93
C ALA A 94 0.00 -23.86 9.37
N ALA A 95 -0.08 -23.80 8.05
CA ALA A 95 -0.95 -22.86 7.33
C ALA A 95 -0.62 -21.39 7.56
N THR A 96 0.39 -21.12 8.39
CA THR A 96 0.78 -19.75 8.67
C THR A 96 1.82 -19.31 7.66
N THR A 97 1.82 -18.02 7.36
CA THR A 97 2.71 -17.46 6.36
C THR A 97 3.46 -16.26 6.95
N PRO A 98 4.56 -15.85 6.30
CA PRO A 98 5.27 -14.61 6.65
C PRO A 98 4.33 -13.41 6.73
N GLU A 99 3.37 -13.33 5.83
CA GLU A 99 2.46 -12.18 5.75
C GLU A 99 1.56 -12.07 6.97
N ASP A 100 1.43 -13.16 7.72
CA ASP A 100 0.70 -13.15 8.97
C ASP A 100 1.50 -12.34 10.00
N LEU A 101 2.81 -12.53 10.00
CA LEU A 101 3.69 -11.77 10.88
C LEU A 101 3.70 -10.31 10.49
N ALA A 102 3.79 -10.05 9.18
CA ALA A 102 3.78 -8.69 8.66
C ALA A 102 2.50 -7.96 9.06
N LEU A 103 1.39 -8.71 9.10
CA LEU A 103 0.11 -8.19 9.53
C LEU A 103 0.16 -7.81 11.00
N ILE A 104 0.82 -8.65 11.79
CA ILE A 104 0.98 -8.40 13.22
C ILE A 104 1.87 -7.18 13.45
N THR A 105 2.98 -7.11 12.72
CA THR A 105 3.87 -5.96 12.78
C THR A 105 3.10 -4.68 12.43
N ALA A 106 2.17 -4.80 11.48
CA ALA A 106 1.37 -3.66 11.05
C ALA A 106 0.39 -3.20 12.12
N ILE A 107 -0.23 -4.15 12.81
CA ILE A 107 -1.20 -3.82 13.86
C ILE A 107 -0.50 -3.12 15.02
N LEU A 108 0.75 -3.51 15.27
CA LEU A 108 1.60 -2.85 16.27
C LEU A 108 1.82 -1.38 15.95
N GLN A 109 2.11 -1.09 14.68
CA GLN A 109 2.32 0.29 14.24
C GLN A 109 1.07 1.13 14.44
N ALA A 110 -0.08 0.55 14.16
CA ALA A 110 -1.34 1.25 14.30
C ALA A 110 -1.61 1.56 15.77
N CYS A 111 -1.27 0.61 16.63
CA CYS A 111 -1.41 0.78 18.09
C CYS A 111 -0.56 1.92 18.62
N LEU A 112 0.70 1.94 18.20
CA LEU A 112 1.65 2.93 18.70
C LEU A 112 1.46 4.32 18.08
N SER A 113 0.56 4.41 17.10
CA SER A 113 0.29 5.68 16.44
C SER A 113 -0.90 6.39 17.07
N VAL A 114 -1.70 5.64 17.83
CA VAL A 114 -2.90 6.17 18.47
C VAL A 114 -2.52 7.24 19.49
N PRO A 115 -3.26 8.36 19.50
CA PRO A 115 -3.03 9.41 20.50
C PRO A 115 -3.16 8.87 21.92
N GLY A 116 -2.29 9.32 22.82
CA GLY A 116 -2.33 8.89 24.20
C GLY A 116 -1.27 7.87 24.53
N ILE A 117 -0.81 7.16 23.51
CA ILE A 117 0.31 6.22 23.66
C ILE A 117 1.58 7.06 23.70
N GLU A 118 2.72 6.39 23.88
CA GLU A 118 4.03 7.03 24.07
C GLU A 118 4.17 7.71 25.43
N GLN A 119 3.09 7.70 26.21
CA GLN A 119 3.16 8.09 27.60
C GLN A 119 3.23 6.81 28.43
N CYS A 120 2.67 5.75 27.89
CA CYS A 120 2.71 4.43 28.52
C CYS A 120 3.68 3.51 27.77
N GLN A 121 4.93 3.93 27.64
CA GLN A 121 5.93 3.12 26.96
C GLN A 121 6.48 2.01 27.85
N LEU A 122 6.65 2.31 29.14
CA LEU A 122 7.08 1.30 30.10
C LEU A 122 5.99 0.24 30.21
N GLN A 123 4.75 0.67 29.97
CA GLN A 123 3.61 -0.23 29.93
C GLN A 123 3.80 -1.24 28.80
N VAL A 124 4.08 -0.73 27.60
CA VAL A 124 4.38 -1.58 26.46
C VAL A 124 5.58 -2.46 26.77
N LEU A 125 6.64 -1.84 27.29
CA LEU A 125 7.83 -2.56 27.74
C LEU A 125 7.45 -3.70 28.67
N ASN A 126 6.58 -3.38 29.64
CA ASN A 126 6.06 -4.37 30.57
C ASN A 126 5.34 -5.50 29.83
N ILE A 127 4.39 -5.11 28.99
CA ILE A 127 3.58 -6.05 28.23
C ILE A 127 4.42 -6.93 27.32
N MSE A 128 5.30 -6.28 26.56
CA MSE A 128 6.18 -6.99 25.65
C MSE A 128 7.06 -7.98 26.42
O MSE A 128 6.85 -9.19 26.31
CB MSE A 128 7.03 -6.00 24.86
CG MSE A 128 6.21 -5.14 23.92
SE MSE A 128 5.05 -6.16 22.74
CE MSE A 128 6.43 -6.94 21.61
N SER A 129 7.99 -7.46 27.21
CA SER A 129 8.89 -8.29 28.03
C SER A 129 8.22 -9.48 28.72
N SER A 130 6.94 -9.35 29.05
CA SER A 130 6.20 -10.44 29.67
C SER A 130 6.22 -11.70 28.80
N HIS A 131 5.76 -11.59 27.57
CA HIS A 131 5.93 -12.65 26.60
C HIS A 131 7.40 -12.75 26.19
N ASN A 132 7.69 -13.69 25.31
CA ASN A 132 9.06 -13.92 24.86
C ASN A 132 9.57 -12.84 23.90
N VAL A 133 8.76 -12.53 22.89
CA VAL A 133 8.93 -11.40 21.99
C VAL A 133 10.34 -11.08 21.47
N LEU A 134 10.92 -9.96 21.91
CA LEU A 134 12.22 -9.50 21.40
C LEU A 134 13.32 -10.57 21.51
N GLN A 135 13.25 -11.40 22.53
CA GLN A 135 14.12 -12.56 22.62
C GLN A 135 13.91 -13.45 21.40
N VAL A 136 12.65 -13.80 21.13
CA VAL A 136 12.31 -14.64 19.99
C VAL A 136 12.42 -13.88 18.67
N ALA A 137 12.13 -12.58 18.69
CA ALA A 137 12.32 -11.73 17.53
C ALA A 137 13.80 -11.71 17.10
N THR A 138 14.70 -11.61 18.08
CA THR A 138 16.14 -11.68 17.83
C THR A 138 16.53 -13.06 17.34
N SER A 139 15.95 -14.09 17.97
CA SER A 139 16.20 -15.47 17.59
C SER A 139 15.87 -15.67 16.13
N LEU A 140 14.69 -15.18 15.74
CA LEU A 140 14.20 -15.29 14.38
C LEU A 140 15.14 -14.62 13.39
N PHE A 141 15.77 -13.53 13.80
CA PHE A 141 16.72 -12.83 12.93
C PHE A 141 17.96 -13.67 12.66
N SER A 142 18.47 -14.33 13.69
CA SER A 142 19.62 -15.20 13.55
C SER A 142 19.23 -16.49 12.82
N TRP A 143 17.93 -16.74 12.73
CA TRP A 143 17.41 -17.90 12.04
C TRP A 143 17.36 -17.71 10.52
N SER A 144 16.82 -16.56 10.12
CA SER A 144 16.38 -16.25 8.76
C SER A 144 16.85 -17.13 7.59
N ASP A 145 18.17 -17.24 7.38
CA ASP A 145 18.67 -17.89 6.18
C ASP A 145 18.40 -19.40 6.10
N ARG A 146 18.45 -20.08 7.24
CA ARG A 146 18.09 -21.48 7.30
C ARG A 146 16.58 -21.64 7.13
N LEU A 147 15.86 -20.54 7.30
CA LEU A 147 14.41 -20.57 7.26
C LEU A 147 13.83 -19.83 6.06
N ALA A 148 14.67 -19.49 5.09
CA ALA A 148 14.21 -18.69 3.96
C ALA A 148 15.17 -18.64 2.76
N GLU A 149 15.93 -19.70 2.52
CA GLU A 149 16.77 -19.71 1.32
C GLU A 149 16.00 -20.15 0.08
N LYS A 150 14.70 -19.90 0.07
CA LYS A 150 13.93 -20.02 -1.17
C LYS A 150 14.51 -19.00 -2.14
N GLY A 151 15.07 -17.94 -1.57
CA GLY A 151 15.79 -16.92 -2.30
C GLY A 151 16.29 -15.90 -1.31
N ASP A 152 15.39 -15.43 -0.45
CA ASP A 152 15.69 -14.32 0.45
C ASP A 152 15.27 -14.57 1.90
N PRO A 153 16.11 -14.14 2.85
CA PRO A 153 15.79 -14.24 4.28
C PRO A 153 14.58 -13.36 4.61
N ILE A 154 13.39 -13.82 4.25
CA ILE A 154 12.17 -13.06 4.47
C ILE A 154 11.90 -12.79 5.94
N TYR A 155 12.28 -13.73 6.80
CA TYR A 155 12.04 -13.58 8.23
C TYR A 155 13.07 -12.67 8.89
N GLY A 156 14.17 -12.40 8.17
CA GLY A 156 15.17 -11.49 8.67
C GLY A 156 14.62 -10.08 8.76
N GLU A 157 14.08 -9.59 7.66
CA GLU A 157 13.53 -8.24 7.60
C GLU A 157 12.29 -8.09 8.48
N LEU A 158 11.48 -9.15 8.55
CA LEU A 158 10.25 -9.10 9.32
C LEU A 158 10.52 -8.99 10.81
N ALA A 159 11.54 -9.71 11.26
CA ALA A 159 11.95 -9.69 12.66
C ALA A 159 12.45 -8.31 13.07
N LEU A 160 13.35 -7.75 12.27
CA LEU A 160 13.91 -6.44 12.55
C LEU A 160 12.87 -5.33 12.52
N LEU A 161 11.94 -5.41 11.57
CA LEU A 161 10.88 -4.42 11.45
C LEU A 161 9.97 -4.43 12.67
N LEU A 162 9.84 -5.61 13.28
CA LEU A 162 9.11 -5.74 14.52
C LEU A 162 9.89 -5.05 15.63
N LEU A 163 11.18 -5.36 15.70
CA LEU A 163 12.08 -4.75 16.66
C LEU A 163 12.17 -3.25 16.43
N LEU A 164 12.19 -2.86 15.15
CA LEU A 164 12.30 -1.44 14.79
C LEU A 164 11.12 -0.64 15.32
N GLU A 165 9.91 -1.15 15.10
CA GLU A 165 8.71 -0.48 15.58
C GLU A 165 8.75 -0.28 17.09
N LEU A 166 9.22 -1.29 17.80
CA LEU A 166 9.34 -1.23 19.25
C LEU A 166 10.46 -0.29 19.67
N SER A 167 11.50 -0.19 18.84
CA SER A 167 12.67 0.60 19.19
C SER A 167 12.39 2.10 19.13
N ALA A 168 11.23 2.47 18.59
CA ALA A 168 10.82 3.87 18.57
C ALA A 168 10.44 4.30 19.98
N LEU A 169 10.29 3.32 20.87
CA LEU A 169 10.07 3.57 22.29
C LEU A 169 11.40 3.40 23.02
N PRO A 170 12.00 4.53 23.44
CA PRO A 170 13.34 4.63 24.05
C PRO A 170 13.63 3.58 25.13
N ALA A 171 12.63 3.26 25.94
CA ALA A 171 12.80 2.27 27.00
C ALA A 171 13.07 0.87 26.44
N LEU A 172 12.29 0.48 25.43
CA LEU A 172 12.49 -0.81 24.78
C LEU A 172 13.79 -0.84 23.98
N ALA A 173 14.23 0.33 23.54
CA ALA A 173 15.50 0.46 22.83
C ALA A 173 16.67 0.14 23.74
N GLU A 174 16.54 0.48 25.02
CA GLU A 174 17.60 0.19 25.98
C GLU A 174 17.69 -1.30 26.24
N GLN A 175 16.54 -1.98 26.20
CA GLN A 175 16.47 -3.40 26.46
C GLN A 175 17.21 -4.23 25.41
N LEU A 176 17.08 -3.81 24.14
CA LEU A 176 17.72 -4.51 23.04
C LEU A 176 19.24 -4.46 23.13
N ALA A 177 19.78 -3.29 23.43
CA ALA A 177 21.22 -3.12 23.55
C ALA A 177 21.76 -3.85 24.77
N CYS A 178 21.00 -3.82 25.87
CA CYS A 178 21.39 -4.52 27.09
C CYS A 178 21.33 -6.03 26.87
N ASP A 179 20.41 -6.47 26.02
CA ASP A 179 20.33 -7.88 25.64
C ASP A 179 21.22 -8.13 24.42
N GLY A 180 22.03 -7.13 24.09
CA GLY A 180 23.05 -7.26 23.06
C GLY A 180 22.50 -7.56 21.67
N LEU A 181 21.46 -6.83 21.28
CA LEU A 181 20.90 -6.96 19.94
C LEU A 181 21.97 -6.70 18.90
N LEU A 182 22.76 -5.66 19.12
CA LEU A 182 23.82 -5.29 18.20
C LEU A 182 24.89 -6.37 18.11
N GLY A 183 24.96 -7.22 19.11
CA GLY A 183 25.88 -8.34 19.11
C GLY A 183 25.34 -9.47 18.27
N HIS A 184 24.02 -9.67 18.35
CA HIS A 184 23.35 -10.72 17.61
C HIS A 184 23.28 -10.37 16.13
N LEU A 185 23.24 -9.08 15.83
CA LEU A 185 23.15 -8.58 14.46
C LEU A 185 24.36 -8.98 13.63
N THR A 186 25.55 -8.80 14.22
CA THR A 186 26.79 -9.02 13.50
C THR A 186 27.23 -10.48 13.53
N SER A 187 26.79 -11.21 14.55
CA SER A 187 27.17 -12.62 14.71
C SER A 187 26.28 -13.53 13.86
N ALA A 188 25.12 -13.02 13.47
CA ALA A 188 24.17 -13.80 12.67
C ALA A 188 24.78 -14.25 11.35
N ASN A 189 24.24 -15.33 10.80
CA ASN A 189 24.68 -15.82 9.50
C ASN A 189 24.37 -14.80 8.41
N LEU A 190 23.34 -13.98 8.66
CA LEU A 190 22.93 -12.94 7.73
C LEU A 190 24.04 -11.93 7.47
N ALA A 191 24.86 -11.69 8.48
CA ALA A 191 25.91 -10.69 8.41
C ALA A 191 26.93 -10.99 7.31
N GLY A 192 26.98 -12.25 6.88
CA GLY A 192 27.87 -12.66 5.81
C GLY A 192 27.25 -12.43 4.44
N PHE A 193 25.94 -12.50 4.36
CA PHE A 193 25.23 -12.28 3.11
C PHE A 193 25.17 -10.80 2.75
N MSE A 194 24.93 -9.96 3.75
CA MSE A 194 24.92 -8.51 3.56
C MSE A 194 26.31 -8.00 3.22
O MSE A 194 26.47 -6.91 2.66
CB MSE A 194 24.42 -7.81 4.83
CG MSE A 194 22.98 -8.12 5.20
SE MSE A 194 22.44 -7.27 6.89
CE MSE A 194 22.85 -8.72 8.13
N ARG A 195 27.31 -8.80 3.55
CA ARG A 195 28.70 -8.42 3.37
C ARG A 195 29.18 -8.70 1.95
N ARG A 196 28.43 -9.52 1.23
CA ARG A 196 28.76 -9.82 -0.17
C ARG A 196 28.48 -8.61 -1.05
N ALA A 197 29.42 -8.32 -1.94
CA ALA A 197 29.40 -7.07 -2.71
C ALA A 197 28.32 -6.97 -3.78
N ASN A 198 27.28 -7.80 -3.68
CA ASN A 198 26.18 -7.75 -4.64
C ASN A 198 24.92 -7.13 -4.06
N VAL A 199 25.01 -6.70 -2.79
CA VAL A 199 23.86 -6.11 -2.11
C VAL A 199 23.51 -4.74 -2.68
N SER A 200 22.29 -4.61 -3.20
CA SER A 200 21.84 -3.39 -3.84
C SER A 200 20.32 -3.40 -4.00
N PRO A 201 19.69 -2.21 -3.98
CA PRO A 201 18.24 -2.11 -4.20
C PRO A 201 17.85 -2.56 -5.61
N PHE A 202 18.78 -2.45 -6.54
CA PHE A 202 18.53 -2.82 -7.93
C PHE A 202 19.27 -4.10 -8.29
N THR A 203 18.86 -5.23 -7.71
CA THR A 203 19.51 -6.50 -8.01
C THR A 203 18.56 -7.48 -8.68
N ASP A 204 19.14 -8.35 -9.51
CA ASP A 204 18.39 -9.43 -10.13
C ASP A 204 18.32 -10.59 -9.13
N ASN A 205 19.06 -10.45 -8.04
CA ASN A 205 19.07 -11.44 -6.97
C ASN A 205 18.07 -11.05 -5.90
N ALA A 206 17.30 -12.03 -5.43
CA ALA A 206 16.28 -11.75 -4.42
C ALA A 206 16.91 -11.62 -3.03
N GLY A 207 17.95 -12.40 -2.78
CA GLY A 207 18.63 -12.37 -1.49
C GLY A 207 19.30 -11.05 -1.22
N ALA A 208 20.13 -10.61 -2.16
CA ALA A 208 20.86 -9.35 -2.02
C ALA A 208 19.92 -8.16 -1.91
N ALA A 209 18.79 -8.23 -2.60
CA ALA A 209 17.79 -7.17 -2.55
C ALA A 209 17.16 -7.07 -1.15
N ARG A 210 16.97 -8.22 -0.52
CA ARG A 210 16.42 -8.27 0.83
C ARG A 210 17.47 -7.92 1.85
N CYS A 211 18.71 -8.32 1.57
CA CYS A 211 19.84 -7.94 2.40
C CYS A 211 19.92 -6.43 2.52
N TYR A 212 19.76 -5.72 1.41
CA TYR A 212 19.77 -4.27 1.42
C TYR A 212 18.60 -3.72 2.23
N ALA A 213 17.45 -4.37 2.11
CA ALA A 213 16.24 -3.97 2.80
C ALA A 213 16.41 -4.09 4.31
N ILE A 214 17.10 -5.15 4.73
CA ILE A 214 17.35 -5.39 6.14
C ILE A 214 18.29 -4.33 6.72
N TRP A 215 19.30 -3.97 5.95
CA TRP A 215 20.26 -2.95 6.35
C TRP A 215 19.70 -1.54 6.31
N ALA A 216 19.07 -1.18 5.19
CA ALA A 216 18.58 0.18 4.98
C ALA A 216 17.30 0.49 5.76
N LYS A 217 16.35 -0.43 5.73
CA LYS A 217 15.03 -0.22 6.31
C LYS A 217 14.95 -0.77 7.74
N GLY A 218 15.97 -1.52 8.15
CA GLY A 218 15.94 -2.15 9.47
C GLY A 218 17.09 -1.76 10.39
N ILE A 219 18.30 -2.19 10.05
CA ILE A 219 19.48 -1.96 10.89
C ILE A 219 19.74 -0.48 11.17
N LEU A 220 19.78 0.33 10.11
CA LEU A 220 20.08 1.75 10.24
C LEU A 220 19.06 2.56 11.07
N PRO A 221 17.75 2.42 10.78
CA PRO A 221 16.80 3.14 11.64
C PRO A 221 16.76 2.59 13.06
N LEU A 222 17.17 1.33 13.24
CA LEU A 222 17.33 0.77 14.57
C LEU A 222 18.45 1.51 15.31
N LEU A 223 19.57 1.71 14.64
CA LEU A 223 20.73 2.37 15.25
C LEU A 223 20.43 3.82 15.64
N LEU A 224 19.62 4.49 14.82
CA LEU A 224 19.23 5.87 15.09
C LEU A 224 18.37 5.96 16.35
N ASN A 225 17.63 4.88 16.62
CA ASN A 225 16.74 4.84 17.78
C ASN A 225 17.45 4.34 19.03
N ILE A 226 18.35 3.37 18.86
CA ILE A 226 19.11 2.81 19.97
C ILE A 226 19.97 3.90 20.63
N LEU A 227 20.30 4.94 19.87
CA LEU A 227 20.96 6.11 20.44
C LEU A 227 19.94 7.00 21.18
N GLY A 228 18.90 6.38 21.72
CA GLY A 228 17.97 7.04 22.60
C GLY A 228 18.56 7.07 24.00
N ALA A 229 19.58 6.26 24.21
CA ALA A 229 20.34 6.29 25.45
C ALA A 229 21.52 7.24 25.30
N LEU A 230 21.29 8.30 24.52
CA LEU A 230 22.16 9.46 24.45
C LEU A 230 23.56 9.22 23.86
N GLY A 231 23.81 7.99 23.43
CA GLY A 231 25.05 7.68 22.72
C GLY A 231 26.33 7.88 23.52
N ALA A 232 26.19 8.15 24.81
CA ALA A 232 27.34 8.16 25.70
C ALA A 232 27.89 6.74 25.67
N THR A 233 26.99 5.78 25.88
CA THR A 233 27.30 4.38 25.70
C THR A 233 26.76 3.93 24.33
N ILE A 234 26.81 2.63 24.07
CA ILE A 234 26.40 2.02 22.79
C ILE A 234 27.02 2.61 21.52
N ALA A 235 27.52 3.84 21.59
CA ALA A 235 28.22 4.45 20.47
C ALA A 235 29.40 3.63 19.98
N PRO A 236 30.18 3.04 20.90
CA PRO A 236 31.21 2.13 20.37
C PRO A 236 30.60 0.88 19.74
N GLU A 237 29.39 0.52 20.14
CA GLU A 237 28.74 -0.66 19.60
C GLU A 237 28.06 -0.38 18.26
N VAL A 238 27.42 0.79 18.15
CA VAL A 238 26.78 1.17 16.89
C VAL A 238 27.83 1.48 15.83
N ALA A 239 28.98 2.00 16.26
CA ALA A 239 30.08 2.28 15.34
C ALA A 239 30.72 0.99 14.87
N PHE A 240 30.67 -0.03 15.71
CA PHE A 240 31.23 -1.34 15.38
C PHE A 240 30.33 -2.12 14.44
N VAL A 241 29.02 -1.90 14.54
CA VAL A 241 28.07 -2.53 13.63
C VAL A 241 28.35 -2.04 12.22
N LEU A 242 28.29 -0.73 12.05
CA LEU A 242 28.56 -0.10 10.77
C LEU A 242 29.91 -0.50 10.21
N ASN A 243 30.89 -0.63 11.09
CA ASN A 243 32.26 -0.95 10.69
C ASN A 243 32.43 -2.36 10.15
N GLN A 244 31.41 -3.19 10.33
CA GLN A 244 31.48 -4.55 9.84
C GLN A 244 30.68 -4.73 8.55
N PHE A 245 30.21 -3.61 8.02
CA PHE A 245 29.59 -3.59 6.70
C PHE A 245 30.19 -2.45 5.87
N PRO A 246 31.47 -2.59 5.48
CA PRO A 246 32.18 -1.52 4.77
C PRO A 246 31.79 -1.46 3.30
N ASN A 247 31.43 -2.60 2.72
CA ASN A 247 31.02 -2.64 1.32
C ASN A 247 29.75 -1.82 1.13
N LEU A 248 28.96 -1.72 2.20
CA LEU A 248 27.74 -0.93 2.19
C LEU A 248 28.01 0.56 2.40
N LEU A 249 28.92 0.86 3.33
CA LEU A 249 29.33 2.24 3.57
C LEU A 249 29.96 2.83 2.31
N ARG A 250 30.59 1.96 1.52
CA ARG A 250 31.23 2.34 0.28
C ARG A 250 30.21 2.46 -0.84
N SER A 251 29.27 1.53 -0.88
CA SER A 251 28.24 1.49 -1.92
C SER A 251 27.26 2.65 -1.78
N SER A 252 26.90 2.98 -0.55
CA SER A 252 25.91 4.01 -0.26
C SER A 252 26.26 5.35 -0.92
N VAL A 253 27.55 5.64 -1.01
CA VAL A 253 28.03 6.88 -1.61
C VAL A 253 28.08 6.77 -3.13
N ASP A 254 28.62 5.66 -3.63
CA ASP A 254 28.76 5.45 -5.07
C ASP A 254 27.42 5.35 -5.80
N ARG A 255 26.38 4.90 -5.09
CA ARG A 255 25.06 4.77 -5.69
C ARG A 255 24.45 6.11 -6.09
N LEU A 256 24.72 7.14 -5.31
CA LEU A 256 24.15 8.46 -5.56
C LEU A 256 25.10 9.34 -6.35
N GLU A 257 26.02 8.71 -7.07
CA GLU A 257 27.01 9.45 -7.85
C GLU A 257 26.38 10.09 -9.09
N ALA A 258 26.75 11.34 -9.35
CA ALA A 258 26.22 12.08 -10.49
C ALA A 258 26.52 11.35 -11.80
N PRO A 259 25.50 11.24 -12.67
CA PRO A 259 25.60 10.50 -13.94
C PRO A 259 26.73 11.01 -14.83
N GLY A 260 27.56 10.09 -15.30
CA GLY A 260 28.69 10.44 -16.15
C GLY A 260 30.01 9.95 -15.59
N PRO A 277 28.62 1.05 -12.82
CA PRO A 277 27.78 -0.11 -12.50
C PRO A 277 26.53 0.28 -11.71
N HIS A 278 25.80 1.28 -12.21
CA HIS A 278 24.58 1.73 -11.58
C HIS A 278 23.79 2.59 -12.57
N TYR A 279 22.55 2.21 -12.82
CA TYR A 279 21.74 2.88 -13.84
C TYR A 279 20.69 3.80 -13.24
N PHE A 280 20.06 3.35 -12.15
CA PHE A 280 18.95 4.09 -11.56
C PHE A 280 19.26 4.61 -10.15
N VAL A 281 18.27 5.27 -9.55
CA VAL A 281 18.38 5.76 -8.18
C VAL A 281 17.05 5.58 -7.43
N ALA A 282 17.11 4.97 -6.26
CA ALA A 282 15.91 4.66 -5.48
C ALA A 282 15.69 5.66 -4.35
N LEU A 283 14.51 5.60 -3.74
CA LEU A 283 14.18 6.47 -2.62
C LEU A 283 14.81 5.94 -1.34
N VAL A 284 14.89 4.63 -1.22
CA VAL A 284 15.53 3.99 -0.07
C VAL A 284 17.03 4.31 -0.01
N ALA A 285 17.61 4.58 -1.19
CA ALA A 285 19.03 4.91 -1.27
C ALA A 285 19.29 6.27 -0.65
N LEU A 286 18.29 7.14 -0.72
CA LEU A 286 18.40 8.49 -0.17
C LEU A 286 18.22 8.49 1.34
N SER A 287 17.42 7.56 1.85
CA SER A 287 17.16 7.46 3.28
C SER A 287 18.28 6.72 3.99
N GLU A 288 18.90 5.78 3.28
CA GLU A 288 20.05 5.06 3.80
C GLU A 288 21.18 6.04 4.07
N VAL A 289 21.48 6.84 3.06
CA VAL A 289 22.49 7.89 3.15
C VAL A 289 22.10 8.94 4.19
N HIS A 290 20.80 9.23 4.27
CA HIS A 290 20.28 10.15 5.26
C HIS A 290 20.52 9.61 6.67
N SER A 291 20.28 8.32 6.86
CA SER A 291 20.51 7.66 8.14
C SER A 291 21.97 7.70 8.53
N LEU A 292 22.83 7.27 7.61
CA LEU A 292 24.27 7.24 7.84
C LEU A 292 24.84 8.62 8.14
N ALA A 293 24.30 9.64 7.50
CA ALA A 293 24.76 11.00 7.71
C ALA A 293 24.49 11.45 9.15
N LEU A 294 23.34 11.04 9.68
CA LEU A 294 22.98 11.35 11.07
C LEU A 294 23.83 10.56 12.06
N LEU A 295 24.02 9.26 11.78
CA LEU A 295 24.80 8.41 12.65
C LEU A 295 26.24 8.89 12.79
N THR A 296 26.90 9.09 11.66
CA THR A 296 28.31 9.50 11.65
C THR A 296 28.52 10.90 12.24
N ARG A 297 27.53 11.76 12.12
CA ARG A 297 27.63 13.09 12.71
C ARG A 297 27.43 13.03 14.22
N VAL A 298 26.38 12.35 14.65
CA VAL A 298 26.11 12.20 16.08
C VAL A 298 27.27 11.48 16.77
N LEU A 299 27.79 10.44 16.13
CA LEU A 299 28.95 9.72 16.65
C LEU A 299 30.16 10.65 16.80
N ALA A 300 30.35 11.52 15.80
CA ALA A 300 31.47 12.47 15.82
C ALA A 300 31.31 13.52 16.91
N ALA A 301 30.09 13.94 17.16
CA ALA A 301 29.81 14.88 18.24
C ALA A 301 29.93 14.18 19.59
N LEU A 302 30.02 12.86 19.55
CA LEU A 302 30.26 12.05 20.74
C LEU A 302 31.71 11.60 20.81
N ARG A 303 32.40 11.64 19.68
CA ARG A 303 33.83 11.32 19.63
C ARG A 303 34.64 12.46 20.21
N SER A 304 34.15 13.68 20.03
CA SER A 304 34.83 14.86 20.56
C SER A 304 34.69 14.95 22.07
N GLY A 305 33.94 14.01 22.64
CA GLY A 305 33.85 13.89 24.09
C GLY A 305 35.21 13.55 24.66
N ASN A 306 36.01 12.83 23.87
CA ASN A 306 37.37 12.43 24.25
C ASN A 306 37.42 11.71 25.59
N ALA A 307 36.38 10.96 25.89
CA ALA A 307 36.21 10.34 27.20
C ALA A 307 36.01 8.83 27.11
N ARG A 308 35.66 8.34 25.93
CA ARG A 308 35.50 6.90 25.71
C ARG A 308 35.77 6.55 24.26
N ASP A 309 36.34 5.36 24.03
CA ASP A 309 36.76 4.99 22.68
C ASP A 309 35.59 4.70 21.74
N ILE A 310 35.16 5.72 21.02
CA ILE A 310 34.16 5.57 19.98
C ILE A 310 34.87 5.50 18.64
N PRO A 311 35.01 4.29 18.09
CA PRO A 311 35.79 4.05 16.86
C PRO A 311 35.32 4.94 15.71
N GLU A 312 36.28 5.37 14.88
CA GLU A 312 35.94 6.15 13.71
C GLU A 312 35.29 5.25 12.66
N VAL A 313 34.32 5.79 11.94
CA VAL A 313 33.63 5.04 10.90
C VAL A 313 33.97 5.60 9.53
N VAL A 314 34.51 4.75 8.67
CA VAL A 314 34.94 5.19 7.34
C VAL A 314 33.77 5.43 6.40
N TRP A 315 33.44 6.71 6.19
CA TRP A 315 32.37 7.10 5.31
C TRP A 315 32.62 8.50 4.77
N ASP A 316 33.01 8.59 3.50
CA ASP A 316 33.35 9.86 2.88
C ASP A 316 32.15 10.79 2.76
N SER A 317 32.09 11.78 3.66
CA SER A 317 31.02 12.76 3.66
C SER A 317 31.15 13.70 2.46
N GLY A 318 32.39 14.02 2.12
CA GLY A 318 32.68 14.98 1.06
C GLY A 318 32.07 14.62 -0.27
N ALA A 319 32.21 13.35 -0.67
CA ALA A 319 31.66 12.88 -1.93
C ALA A 319 30.13 12.97 -1.91
N VAL A 320 29.54 12.63 -0.77
CA VAL A 320 28.09 12.63 -0.62
C VAL A 320 27.49 14.02 -0.86
N LEU A 321 28.05 15.03 -0.22
CA LEU A 321 27.60 16.41 -0.38
C LEU A 321 27.56 16.84 -1.84
N GLU A 322 28.68 16.64 -2.54
CA GLU A 322 28.78 16.99 -3.95
C GLU A 322 27.79 16.20 -4.80
N ASN A 323 27.66 14.91 -4.50
CA ASN A 323 26.69 14.06 -5.18
C ASN A 323 25.27 14.56 -4.99
N VAL A 324 24.98 15.06 -3.79
CA VAL A 324 23.65 15.57 -3.46
C VAL A 324 23.32 16.83 -4.26
N GLU A 325 24.28 17.74 -4.33
CA GLU A 325 24.09 19.02 -5.02
C GLU A 325 23.80 18.84 -6.51
N PHE A 326 24.52 17.90 -7.15
CA PHE A 326 24.32 17.65 -8.57
C PHE A 326 23.12 16.76 -8.86
N TRP A 327 22.32 16.51 -7.82
CA TRP A 327 21.01 15.87 -7.99
C TRP A 327 19.94 16.88 -7.62
N LEU A 328 20.29 17.84 -6.78
CA LEU A 328 19.37 18.90 -6.37
C LEU A 328 19.16 19.90 -7.49
N ALA A 329 20.23 20.18 -8.24
CA ALA A 329 20.19 21.18 -9.30
C ALA A 329 19.70 20.61 -10.61
N SER A 330 19.18 19.39 -10.58
CA SER A 330 18.75 18.72 -11.80
C SER A 330 17.48 17.90 -11.59
N ARG A 331 16.39 18.58 -11.26
CA ARG A 331 15.09 17.94 -11.03
C ARG A 331 14.64 17.13 -12.23
N LYS A 332 15.04 17.57 -13.42
CA LYS A 332 14.72 16.86 -14.65
C LYS A 332 15.41 15.51 -14.71
N VAL A 333 16.74 15.51 -14.58
CA VAL A 333 17.50 14.26 -14.61
C VAL A 333 17.25 13.43 -13.36
N LEU A 334 16.69 14.06 -12.34
CA LEU A 334 16.32 13.36 -11.12
C LEU A 334 15.09 12.49 -11.35
N ARG A 335 13.99 13.13 -11.75
CA ARG A 335 12.74 12.43 -11.98
C ARG A 335 12.86 11.38 -13.09
N GLU A 336 13.85 11.54 -13.94
CA GLU A 336 14.11 10.56 -15.00
C GLU A 336 14.79 9.32 -14.44
N ARG A 337 15.80 9.53 -13.59
CA ARG A 337 16.57 8.44 -13.03
C ARG A 337 15.94 7.85 -11.77
N LEU A 338 15.14 8.67 -11.08
CA LEU A 338 14.45 8.22 -9.88
C LEU A 338 13.35 7.22 -10.23
N LEU A 339 13.36 6.07 -9.59
CA LEU A 339 12.33 5.06 -9.83
C LEU A 339 11.72 4.55 -8.53
N PRO A 340 10.40 4.42 -8.50
CA PRO A 340 9.72 3.82 -7.35
C PRO A 340 9.96 2.32 -7.30
N LEU A 341 10.18 1.79 -6.10
CA LEU A 341 10.47 0.38 -5.93
C LEU A 341 9.34 -0.35 -5.23
N ASN A 342 8.51 0.40 -4.51
CA ASN A 342 7.36 -0.17 -3.81
C ASN A 342 6.05 0.31 -4.42
N PRO A 343 5.02 -0.55 -4.41
CA PRO A 343 3.68 -0.17 -4.88
C PRO A 343 3.15 1.03 -4.10
N ARG A 344 3.63 1.21 -2.88
CA ARG A 344 3.28 2.37 -2.08
C ARG A 344 3.98 3.62 -2.61
N GLU A 345 5.27 3.49 -2.90
CA GLU A 345 6.07 4.61 -3.40
C GLU A 345 5.62 5.03 -4.81
N ALA A 346 5.03 4.11 -5.54
CA ALA A 346 4.55 4.38 -6.89
C ALA A 346 3.24 5.17 -6.85
N GLU A 347 2.51 5.04 -5.76
CA GLU A 347 1.25 5.76 -5.57
C GLU A 347 1.49 7.27 -5.60
N TRP A 348 2.40 7.74 -4.75
CA TRP A 348 2.74 9.16 -4.71
C TRP A 348 3.84 9.50 -5.72
N ARG A 349 3.97 8.66 -6.75
CA ARG A 349 4.86 8.93 -7.86
C ARG A 349 4.07 9.52 -9.01
N GLY A 350 2.92 8.90 -9.31
CA GLY A 350 2.01 9.41 -10.31
C GLY A 350 1.16 10.52 -9.73
N MSE A 351 1.23 10.67 -8.41
CA MSE A 351 0.51 11.74 -7.72
C MSE A 351 1.27 13.05 -7.90
O MSE A 351 2.22 13.12 -8.69
CB MSE A 351 0.40 11.41 -6.23
CG MSE A 351 -0.81 11.98 -5.53
SE MSE A 351 -0.82 11.49 -3.64
CE MSE A 351 -0.95 9.55 -3.83
N LYS A 352 0.86 14.10 -7.19
CA LYS A 352 1.53 15.39 -7.28
C LYS A 352 1.27 16.24 -6.04
N ALA A 353 2.27 17.02 -5.65
CA ALA A 353 2.14 17.95 -4.53
C ALA A 353 3.06 19.14 -4.74
N SER A 354 2.52 20.21 -5.32
CA SER A 354 3.30 21.38 -5.66
C SER A 354 3.57 22.27 -4.44
N GLU A 355 2.55 23.02 -4.03
CA GLU A 355 2.66 24.00 -2.95
C GLU A 355 3.83 24.95 -3.24
N GLY A 356 4.77 25.01 -2.29
CA GLY A 356 6.04 25.66 -2.56
C GLY A 356 6.78 24.76 -3.52
N SER A 357 6.80 25.15 -4.78
CA SER A 357 7.21 24.23 -5.85
C SER A 357 8.69 24.27 -6.20
N GLY A 358 9.35 23.13 -5.99
CA GLY A 358 10.68 22.88 -6.51
C GLY A 358 10.64 21.51 -7.14
N CYS A 359 9.45 20.92 -7.13
CA CYS A 359 9.23 19.56 -7.62
C CYS A 359 7.98 19.48 -8.48
N GLU A 360 7.94 18.50 -9.37
CA GLU A 360 6.79 18.28 -10.23
C GLU A 360 5.84 17.26 -9.62
N THR A 361 6.39 16.13 -9.20
CA THR A 361 5.59 15.06 -8.59
C THR A 361 5.87 14.94 -7.09
N LYS A 362 4.98 14.24 -6.39
CA LYS A 362 5.10 14.06 -4.95
C LYS A 362 6.29 13.20 -4.58
N LEU A 363 6.56 12.19 -5.40
CA LEU A 363 7.73 11.33 -5.19
C LEU A 363 9.00 12.15 -5.24
N GLU A 364 9.07 13.06 -6.20
CA GLU A 364 10.22 13.96 -6.31
C GLU A 364 10.34 14.82 -5.05
N GLU A 365 9.20 15.28 -4.53
CA GLU A 365 9.17 16.10 -3.34
C GLU A 365 9.76 15.37 -2.14
N LYS A 366 9.36 14.12 -1.97
CA LYS A 366 9.92 13.28 -0.91
C LYS A 366 11.40 13.01 -1.19
N ALA A 367 11.73 12.81 -2.44
CA ALA A 367 13.12 12.62 -2.85
C ALA A 367 13.90 13.89 -2.60
N VAL A 368 13.30 15.04 -2.89
CA VAL A 368 13.91 16.33 -2.61
C VAL A 368 14.09 16.50 -1.11
N GLY A 369 13.03 16.20 -0.36
CA GLY A 369 13.05 16.34 1.08
C GLY A 369 14.18 15.61 1.78
N LEU A 370 14.44 14.38 1.34
CA LEU A 370 15.50 13.56 1.94
C LEU A 370 16.89 14.16 1.71
N LEU A 371 17.33 14.19 0.46
CA LEU A 371 18.69 14.63 0.15
C LEU A 371 18.94 16.13 0.44
N GLU A 372 17.87 16.86 0.71
CA GLU A 372 17.99 18.25 1.14
C GLU A 372 18.42 18.30 2.61
N GLY A 373 17.91 17.34 3.38
CA GLY A 373 18.27 17.22 4.79
C GLY A 373 19.69 16.68 4.96
N ILE A 374 20.12 15.84 4.03
CA ILE A 374 21.48 15.32 4.04
C ILE A 374 22.48 16.47 3.87
N ARG A 375 22.06 17.48 3.12
CA ARG A 375 22.87 18.68 2.93
C ARG A 375 23.01 19.45 4.24
N ASP A 376 21.89 19.62 4.95
CA ASP A 376 21.88 20.34 6.21
C ASP A 376 22.78 19.67 7.25
N VAL A 377 22.60 18.36 7.42
CA VAL A 377 23.36 17.59 8.39
C VAL A 377 24.87 17.70 8.16
N LEU A 378 25.32 17.28 6.98
CA LEU A 378 26.74 17.23 6.67
C LEU A 378 27.42 18.60 6.69
N ALA A 379 26.62 19.66 6.65
CA ALA A 379 27.14 21.02 6.65
C ALA A 379 27.74 21.40 8.01
N LEU B 2 -20.79 -14.78 22.13
CA LEU B 2 -21.88 -13.90 21.74
C LEU B 2 -21.41 -12.88 20.71
N LEU B 3 -20.32 -13.22 20.04
CA LEU B 3 -19.75 -12.39 18.99
C LEU B 3 -19.86 -13.15 17.67
N PRO B 4 -19.55 -12.50 16.55
CA PRO B 4 -19.52 -13.23 15.28
C PRO B 4 -18.47 -14.34 15.26
N LYS B 5 -18.87 -15.54 14.82
CA LYS B 5 -17.95 -16.66 14.72
C LYS B 5 -17.55 -16.96 13.27
N ASP B 6 -18.16 -16.25 12.33
CA ASP B 6 -17.81 -16.41 10.92
C ASP B 6 -18.07 -15.14 10.12
N ILE B 7 -17.63 -15.14 8.86
CA ILE B 7 -17.72 -13.96 8.01
C ILE B 7 -19.16 -13.55 7.74
N SER B 8 -20.08 -14.50 7.88
CA SER B 8 -21.49 -14.25 7.59
C SER B 8 -22.15 -13.45 8.70
N GLN B 9 -21.81 -13.81 9.95
CA GLN B 9 -22.29 -13.09 11.12
C GLN B 9 -21.60 -11.74 11.20
N LEU B 10 -20.34 -11.70 10.78
CA LEU B 10 -19.56 -10.47 10.81
C LEU B 10 -20.13 -9.46 9.82
N LEU B 11 -20.29 -9.90 8.57
CA LEU B 11 -20.79 -9.04 7.51
C LEU B 11 -22.16 -8.49 7.85
N SER B 12 -22.98 -9.33 8.48
CA SER B 12 -24.29 -8.92 8.94
C SER B 12 -24.20 -7.82 10.00
N LEU B 13 -23.27 -8.00 10.95
CA LEU B 13 -23.05 -7.03 12.02
C LEU B 13 -22.53 -5.70 11.49
N VAL B 14 -21.62 -5.76 10.51
CA VAL B 14 -21.09 -4.55 9.89
C VAL B 14 -22.20 -3.81 9.14
N SER B 15 -23.02 -4.57 8.43
CA SER B 15 -24.13 -4.01 7.65
C SER B 15 -25.18 -3.35 8.53
N ALA B 16 -25.38 -3.91 9.72
CA ALA B 16 -26.33 -3.36 10.68
C ALA B 16 -25.80 -2.06 11.28
N THR B 17 -24.49 -2.00 11.48
CA THR B 17 -23.86 -0.82 12.04
C THR B 17 -23.88 0.33 11.04
N ILE B 18 -23.48 0.04 9.81
CA ILE B 18 -23.47 1.03 8.73
C ILE B 18 -24.85 1.66 8.54
N ASN B 19 -25.87 0.80 8.49
CA ASN B 19 -27.25 1.24 8.32
C ASN B 19 -27.78 1.98 9.55
N GLY B 20 -27.05 1.90 10.66
CA GLY B 20 -27.44 2.60 11.87
C GLY B 20 -27.14 4.09 11.80
N VAL B 21 -26.04 4.44 11.13
CA VAL B 21 -25.60 5.83 11.02
C VAL B 21 -26.65 6.72 10.36
N ASP B 22 -27.05 7.78 11.05
CA ASP B 22 -28.12 8.65 10.57
C ASP B 22 -27.74 9.41 9.30
N ASN B 23 -26.86 10.38 9.44
CA ASN B 23 -26.38 11.13 8.28
C ASN B 23 -24.91 10.86 8.02
N PRO B 24 -24.62 9.81 7.25
CA PRO B 24 -23.27 9.27 7.04
C PRO B 24 -22.29 10.29 6.46
N TRP B 25 -22.73 11.13 5.55
CA TRP B 25 -21.80 12.03 4.86
C TRP B 25 -21.74 13.43 5.47
N SER B 26 -22.37 13.61 6.63
CA SER B 26 -22.40 14.91 7.30
C SER B 26 -21.00 15.36 7.76
N LYS B 27 -20.93 16.56 8.32
CA LYS B 27 -19.66 17.11 8.81
C LYS B 27 -19.02 16.16 9.80
N ASP B 28 -19.84 15.64 10.71
CA ASP B 28 -19.41 14.59 11.62
C ASP B 28 -19.94 13.26 11.10
N GLN B 29 -19.56 12.18 11.77
CA GLN B 29 -19.99 10.82 11.40
C GLN B 29 -19.56 10.37 10.00
N ILE B 30 -18.79 11.20 9.31
CA ILE B 30 -18.27 10.83 8.00
C ILE B 30 -16.89 10.20 8.16
N SER B 31 -16.25 10.48 9.29
CA SER B 31 -14.95 9.90 9.60
C SER B 31 -15.14 8.50 10.18
N TYR B 32 -16.29 8.28 10.81
CA TYR B 32 -16.63 6.96 11.33
C TYR B 32 -17.19 6.10 10.21
N PHE B 33 -18.02 6.72 9.37
CA PHE B 33 -18.62 6.05 8.22
C PHE B 33 -17.56 5.63 7.21
N ARG B 34 -16.50 6.42 7.12
CA ARG B 34 -15.36 6.09 6.27
C ARG B 34 -14.61 4.88 6.81
N THR B 35 -14.49 4.79 8.14
CA THR B 35 -13.88 3.65 8.78
C THR B 35 -14.75 2.41 8.62
N LEU B 36 -16.05 2.58 8.83
CA LEU B 36 -17.02 1.50 8.63
C LEU B 36 -16.95 0.92 7.22
N LEU B 37 -16.91 1.81 6.23
CA LEU B 37 -16.85 1.42 4.83
C LEU B 37 -15.57 0.67 4.48
N LYS B 38 -14.46 1.09 5.08
CA LYS B 38 -13.20 0.40 4.90
C LYS B 38 -13.22 -0.97 5.58
N VAL B 39 -13.93 -1.07 6.71
CA VAL B 39 -14.11 -2.35 7.38
C VAL B 39 -14.96 -3.27 6.53
N LEU B 40 -16.05 -2.73 5.99
CA LEU B 40 -16.94 -3.46 5.09
C LEU B 40 -16.18 -4.08 3.92
N PHE B 41 -15.32 -3.29 3.27
CA PHE B 41 -14.47 -3.79 2.20
C PHE B 41 -13.66 -5.01 2.62
N VAL B 42 -13.05 -4.92 3.80
CA VAL B 42 -12.21 -6.01 4.32
C VAL B 42 -13.01 -7.28 4.54
N VAL B 43 -14.20 -7.15 5.11
CA VAL B 43 -15.08 -8.31 5.33
C VAL B 43 -15.50 -8.96 4.02
N LEU B 44 -15.86 -8.12 3.04
CA LEU B 44 -16.30 -8.60 1.73
C LEU B 44 -15.20 -9.41 1.03
N ARG B 45 -13.99 -8.89 1.07
CA ARG B 45 -12.82 -9.60 0.56
C ARG B 45 -12.62 -10.87 1.37
N GLY B 46 -13.07 -10.85 2.62
CA GLY B 46 -12.89 -11.95 3.54
C GLY B 46 -13.66 -13.20 3.17
N THR B 47 -14.62 -13.05 2.26
CA THR B 47 -15.31 -14.21 1.69
C THR B 47 -14.37 -14.98 0.77
N LYS B 48 -14.92 -15.73 -0.17
CA LYS B 48 -14.11 -16.59 -1.07
C LYS B 48 -13.49 -17.78 -0.32
N HIS B 49 -13.59 -17.76 1.01
CA HIS B 49 -13.05 -18.83 1.84
C HIS B 49 -14.14 -19.46 2.71
N SER B 50 -15.08 -18.65 3.18
CA SER B 50 -16.18 -19.15 3.99
C SER B 50 -17.37 -19.55 3.13
N ALA B 65 -27.24 -16.49 4.96
CA ALA B 65 -26.98 -16.53 3.53
C ALA B 65 -26.20 -15.31 3.09
N VAL B 66 -24.94 -15.52 2.72
CA VAL B 66 -24.02 -14.42 2.43
C VAL B 66 -24.44 -13.55 1.24
N THR B 67 -24.92 -14.18 0.17
CA THR B 67 -25.29 -13.45 -1.04
C THR B 67 -26.47 -12.52 -0.83
N GLN B 68 -27.40 -12.91 0.05
CA GLN B 68 -28.51 -12.04 0.38
C GLN B 68 -28.01 -10.83 1.17
N LEU B 69 -26.94 -11.04 1.93
CA LEU B 69 -26.30 -9.97 2.69
C LEU B 69 -25.53 -9.03 1.77
N VAL B 70 -24.92 -9.60 0.73
CA VAL B 70 -24.18 -8.80 -0.24
C VAL B 70 -25.12 -7.89 -1.01
N LEU B 71 -26.29 -8.41 -1.38
CA LEU B 71 -27.25 -7.65 -2.17
C LEU B 71 -27.79 -6.45 -1.41
N THR B 72 -27.97 -6.60 -0.10
CA THR B 72 -28.43 -5.47 0.72
C THR B 72 -27.34 -4.42 0.82
N THR B 73 -26.08 -4.84 0.71
CA THR B 73 -24.97 -3.91 0.69
C THR B 73 -24.97 -3.18 -0.65
N LEU B 74 -25.13 -3.93 -1.73
CA LEU B 74 -25.28 -3.35 -3.07
C LEU B 74 -26.39 -2.29 -3.15
N ASP B 75 -27.48 -2.52 -2.44
CA ASP B 75 -28.64 -1.63 -2.49
C ASP B 75 -28.54 -0.45 -1.54
N ARG B 76 -28.38 -0.72 -0.25
CA ARG B 76 -28.41 0.33 0.77
C ARG B 76 -27.10 1.09 0.89
N VAL B 77 -25.99 0.42 0.61
CA VAL B 77 -24.69 1.02 0.79
C VAL B 77 -24.09 1.53 -0.52
N VAL B 78 -23.87 0.62 -1.47
CA VAL B 78 -23.24 0.97 -2.74
C VAL B 78 -24.11 1.84 -3.65
N ALA B 79 -25.25 1.31 -4.06
CA ALA B 79 -26.10 2.01 -5.03
C ALA B 79 -26.67 3.32 -4.50
N ARG B 80 -26.75 3.46 -3.17
CA ARG B 80 -27.31 4.67 -2.60
C ARG B 80 -26.28 5.76 -2.49
N SER B 81 -25.07 5.41 -2.04
CA SER B 81 -24.00 6.38 -1.81
C SER B 81 -23.54 7.07 -3.09
N PHE B 82 -23.59 6.34 -4.20
CA PHE B 82 -23.26 6.92 -5.50
C PHE B 82 -24.17 8.11 -5.80
N ARG B 83 -25.43 8.00 -5.41
CA ARG B 83 -26.36 9.11 -5.50
C ARG B 83 -26.01 10.18 -4.46
N ASN B 84 -25.55 9.75 -3.30
CA ASN B 84 -25.15 10.69 -2.25
C ASN B 84 -23.89 11.46 -2.63
N LEU B 85 -22.86 10.71 -3.00
CA LEU B 85 -21.57 11.28 -3.35
C LEU B 85 -21.65 12.19 -4.55
N ALA B 86 -22.67 12.01 -5.38
CA ALA B 86 -22.96 12.92 -6.47
C ALA B 86 -23.47 14.26 -5.93
N ALA B 87 -22.74 14.80 -4.96
CA ALA B 87 -23.03 16.10 -4.37
C ALA B 87 -21.67 16.75 -4.14
N LEU B 88 -20.84 16.75 -5.18
CA LEU B 88 -19.51 17.32 -5.13
C LEU B 88 -19.56 18.85 -5.11
N VAL B 89 -20.74 19.40 -5.35
CA VAL B 89 -20.96 20.83 -5.23
C VAL B 89 -20.90 21.21 -3.75
N HIS B 90 -19.78 21.80 -3.34
CA HIS B 90 -19.56 22.15 -1.95
C HIS B 90 -20.58 23.17 -1.44
N ALA B 95 -17.40 16.94 4.57
CA ALA B 95 -17.31 17.15 3.13
C ALA B 95 -16.75 15.92 2.44
N THR B 96 -17.41 15.52 1.35
CA THR B 96 -16.99 14.34 0.61
C THR B 96 -15.87 14.66 -0.37
N THR B 97 -14.91 13.75 -0.48
CA THR B 97 -13.79 13.90 -1.39
C THR B 97 -13.88 12.81 -2.45
N PRO B 98 -13.18 12.97 -3.58
CA PRO B 98 -13.15 11.92 -4.62
C PRO B 98 -12.57 10.59 -4.14
N GLU B 99 -11.91 10.60 -2.98
CA GLU B 99 -11.36 9.37 -2.41
C GLU B 99 -12.47 8.47 -1.87
N ASP B 100 -13.58 9.07 -1.45
CA ASP B 100 -14.74 8.32 -0.97
C ASP B 100 -15.35 7.52 -2.12
N LEU B 101 -15.44 8.16 -3.28
CA LEU B 101 -15.95 7.54 -4.50
C LEU B 101 -15.13 6.32 -4.88
N ALA B 102 -13.82 6.42 -4.72
CA ALA B 102 -12.91 5.33 -5.06
C ALA B 102 -13.09 4.18 -4.09
N LEU B 103 -13.47 4.50 -2.86
CA LEU B 103 -13.72 3.50 -1.83
C LEU B 103 -14.99 2.73 -2.14
N ILE B 104 -16.07 3.47 -2.41
CA ILE B 104 -17.35 2.90 -2.77
C ILE B 104 -17.25 2.03 -4.03
N THR B 105 -16.42 2.44 -4.97
CA THR B 105 -16.21 1.65 -6.18
C THR B 105 -15.50 0.33 -5.85
N ALA B 106 -14.55 0.41 -4.93
CA ALA B 106 -13.81 -0.79 -4.50
C ALA B 106 -14.74 -1.80 -3.85
N ILE B 107 -15.69 -1.30 -3.07
CA ILE B 107 -16.67 -2.15 -2.40
C ILE B 107 -17.56 -2.85 -3.43
N LEU B 108 -18.03 -2.09 -4.41
CA LEU B 108 -18.79 -2.62 -5.54
C LEU B 108 -18.04 -3.76 -6.23
N GLN B 109 -16.77 -3.53 -6.55
CA GLN B 109 -15.90 -4.58 -7.06
C GLN B 109 -15.95 -5.80 -6.16
N ALA B 110 -15.80 -5.56 -4.85
CA ALA B 110 -15.77 -6.64 -3.88
C ALA B 110 -17.12 -7.37 -3.77
N CYS B 111 -18.21 -6.64 -3.97
CA CYS B 111 -19.55 -7.24 -3.91
C CYS B 111 -19.75 -8.22 -5.05
N LEU B 112 -19.38 -7.81 -6.25
CA LEU B 112 -19.60 -8.62 -7.44
C LEU B 112 -18.45 -9.61 -7.64
N SER B 113 -17.74 -9.89 -6.55
CA SER B 113 -16.61 -10.81 -6.58
C SER B 113 -16.87 -12.01 -5.70
N VAL B 114 -17.84 -11.89 -4.80
CA VAL B 114 -18.18 -12.98 -3.87
C VAL B 114 -18.64 -14.20 -4.66
N PRO B 115 -18.31 -15.40 -4.16
CA PRO B 115 -18.60 -16.69 -4.79
C PRO B 115 -19.99 -16.83 -5.42
N GLY B 116 -21.04 -16.49 -4.68
CA GLY B 116 -22.39 -16.77 -5.14
C GLY B 116 -23.07 -15.66 -5.93
N ILE B 117 -22.40 -14.53 -6.10
CA ILE B 117 -23.02 -13.37 -6.73
C ILE B 117 -23.22 -13.58 -8.23
N GLU B 118 -22.58 -14.61 -8.77
CA GLU B 118 -22.64 -14.90 -10.20
C GLU B 118 -24.02 -15.36 -10.64
N GLN B 119 -24.77 -15.99 -9.76
CA GLN B 119 -26.11 -16.44 -10.09
C GLN B 119 -27.18 -15.54 -9.49
N CYS B 120 -26.77 -14.35 -9.06
CA CYS B 120 -27.71 -13.35 -8.57
C CYS B 120 -27.74 -12.16 -9.52
N GLN B 121 -27.36 -12.42 -10.77
CA GLN B 121 -27.31 -11.39 -11.82
C GLN B 121 -28.59 -10.57 -11.88
N LEU B 122 -29.72 -11.26 -11.93
CA LEU B 122 -31.02 -10.60 -12.06
C LEU B 122 -31.32 -9.66 -10.89
N GLN B 123 -30.94 -10.08 -9.69
CA GLN B 123 -31.19 -9.27 -8.50
C GLN B 123 -30.37 -8.00 -8.52
N VAL B 124 -29.15 -8.09 -9.05
CA VAL B 124 -28.24 -6.95 -9.12
C VAL B 124 -28.77 -5.88 -10.09
N LEU B 125 -29.23 -6.32 -11.25
CA LEU B 125 -29.71 -5.44 -12.31
C LEU B 125 -30.91 -4.60 -11.87
N ASN B 126 -31.78 -5.18 -11.05
CA ASN B 126 -32.91 -4.44 -10.53
C ASN B 126 -32.45 -3.35 -9.58
N ILE B 127 -31.47 -3.67 -8.76
CA ILE B 127 -30.89 -2.72 -7.82
C ILE B 127 -30.28 -1.54 -8.56
N MSE B 128 -29.47 -1.84 -9.58
CA MSE B 128 -28.77 -0.81 -10.34
C MSE B 128 -29.73 0.06 -11.13
O MSE B 128 -29.52 1.27 -11.26
CB MSE B 128 -27.74 -1.45 -11.27
CG MSE B 128 -26.69 -2.29 -10.57
SE MSE B 128 -25.65 -1.30 -9.21
CE MSE B 128 -24.68 -2.82 -8.45
N SER B 129 -30.79 -0.55 -11.64
CA SER B 129 -31.79 0.19 -12.41
C SER B 129 -32.73 0.99 -11.51
N SER B 130 -33.06 0.43 -10.34
CA SER B 130 -33.96 1.08 -9.41
C SER B 130 -33.37 2.39 -8.90
N HIS B 131 -32.04 2.47 -8.88
CA HIS B 131 -31.34 3.63 -8.37
C HIS B 131 -30.72 4.47 -9.49
N ASN B 132 -30.94 4.04 -10.73
CA ASN B 132 -30.39 4.72 -11.90
C ASN B 132 -28.90 5.04 -11.77
N VAL B 133 -28.14 4.08 -11.23
CA VAL B 133 -26.71 4.29 -11.01
C VAL B 133 -25.97 4.47 -12.33
N LEU B 134 -26.52 3.90 -13.40
CA LEU B 134 -25.97 4.07 -14.73
C LEU B 134 -25.99 5.56 -15.07
N GLN B 135 -27.13 6.19 -14.83
CA GLN B 135 -27.29 7.61 -15.05
C GLN B 135 -26.44 8.40 -14.06
N VAL B 136 -26.34 7.89 -12.82
CA VAL B 136 -25.54 8.54 -11.80
C VAL B 136 -24.05 8.48 -12.13
N ALA B 137 -23.60 7.33 -12.62
CA ALA B 137 -22.21 7.15 -13.01
C ALA B 137 -21.86 7.96 -14.27
N THR B 138 -22.87 8.33 -15.04
CA THR B 138 -22.66 9.18 -16.20
C THR B 138 -22.56 10.63 -15.75
N SER B 139 -23.35 10.97 -14.74
CA SER B 139 -23.32 12.31 -14.16
C SER B 139 -21.97 12.59 -13.52
N LEU B 140 -21.33 11.55 -12.99
CA LEU B 140 -20.01 11.67 -12.39
C LEU B 140 -18.96 11.97 -13.45
N PHE B 141 -18.96 11.19 -14.52
CA PHE B 141 -18.03 11.41 -15.63
C PHE B 141 -18.19 12.81 -16.19
N SER B 142 -19.43 13.28 -16.24
CA SER B 142 -19.73 14.60 -16.77
C SER B 142 -19.32 15.71 -15.79
N TRP B 143 -19.22 15.35 -14.51
CA TRP B 143 -18.85 16.30 -13.47
C TRP B 143 -17.34 16.49 -13.42
N SER B 144 -16.61 15.39 -13.48
CA SER B 144 -15.15 15.42 -13.45
C SER B 144 -14.54 16.15 -14.64
N ASP B 145 -15.36 16.45 -15.63
CA ASP B 145 -14.92 17.15 -16.83
C ASP B 145 -14.98 18.66 -16.64
N ARG B 146 -15.11 19.09 -15.39
CA ARG B 146 -15.13 20.51 -15.06
C ARG B 146 -14.23 20.80 -13.86
N GLY B 151 -4.48 20.24 -17.38
CA GLY B 151 -5.73 19.52 -17.26
C GLY B 151 -5.53 18.02 -17.12
N ASP B 152 -5.24 17.57 -15.91
CA ASP B 152 -5.04 16.15 -15.64
C ASP B 152 -6.28 15.53 -15.01
N PRO B 153 -7.00 14.70 -15.78
CA PRO B 153 -8.29 14.11 -15.39
C PRO B 153 -8.16 13.04 -14.31
N ILE B 154 -7.66 13.42 -13.13
CA ILE B 154 -7.57 12.49 -12.02
C ILE B 154 -8.97 12.05 -11.58
N TYR B 155 -9.90 12.99 -11.53
CA TYR B 155 -11.29 12.70 -11.21
C TYR B 155 -11.93 11.89 -12.33
N GLY B 156 -11.46 12.12 -13.55
CA GLY B 156 -12.02 11.46 -14.72
C GLY B 156 -11.67 9.99 -14.79
N GLU B 157 -10.60 9.60 -14.10
CA GLU B 157 -10.15 8.21 -14.12
C GLU B 157 -11.05 7.33 -13.26
N LEU B 158 -11.45 7.84 -12.09
CA LEU B 158 -12.29 7.10 -11.16
C LEU B 158 -13.69 6.88 -11.73
N ALA B 159 -14.20 7.91 -12.40
CA ALA B 159 -15.54 7.88 -12.97
C ALA B 159 -15.69 6.74 -13.97
N LEU B 160 -14.70 6.61 -14.84
CA LEU B 160 -14.75 5.61 -15.91
C LEU B 160 -14.53 4.19 -15.40
N LEU B 161 -13.84 4.05 -14.28
CA LEU B 161 -13.57 2.74 -13.71
C LEU B 161 -14.80 2.18 -13.01
N LEU B 162 -15.56 3.06 -12.37
CA LEU B 162 -16.89 2.69 -11.87
C LEU B 162 -17.73 2.25 -13.05
N LEU B 163 -17.71 3.03 -14.12
CA LEU B 163 -18.40 2.71 -15.35
C LEU B 163 -17.93 1.37 -15.91
N LEU B 164 -16.63 1.13 -15.82
CA LEU B 164 -16.08 -0.13 -16.31
C LEU B 164 -16.60 -1.31 -15.50
N GLU B 165 -16.52 -1.20 -14.18
CA GLU B 165 -16.99 -2.23 -13.27
C GLU B 165 -18.47 -2.51 -13.48
N LEU B 166 -19.22 -1.45 -13.77
CA LEU B 166 -20.65 -1.60 -14.08
C LEU B 166 -20.86 -2.35 -15.39
N SER B 167 -19.95 -2.18 -16.33
CA SER B 167 -20.08 -2.80 -17.64
C SER B 167 -19.68 -4.28 -17.65
N ALA B 168 -19.27 -4.79 -16.49
CA ALA B 168 -18.95 -6.20 -16.35
C ALA B 168 -20.22 -7.03 -16.57
N LEU B 169 -21.33 -6.48 -16.10
CA LEU B 169 -22.64 -7.11 -16.27
C LEU B 169 -23.21 -6.69 -17.63
N PRO B 170 -23.54 -7.70 -18.46
CA PRO B 170 -23.91 -7.51 -19.87
C PRO B 170 -25.10 -6.56 -20.06
N ALA B 171 -26.09 -6.66 -19.19
CA ALA B 171 -27.27 -5.81 -19.28
C ALA B 171 -26.89 -4.35 -19.11
N LEU B 172 -26.06 -4.07 -18.11
CA LEU B 172 -25.60 -2.71 -17.84
C LEU B 172 -24.73 -2.20 -18.98
N ALA B 173 -23.99 -3.11 -19.61
CA ALA B 173 -23.21 -2.76 -20.80
C ALA B 173 -24.15 -2.31 -21.91
N GLU B 174 -25.26 -3.02 -22.06
CA GLU B 174 -26.25 -2.71 -23.07
C GLU B 174 -27.04 -1.45 -22.71
N GLN B 175 -27.35 -1.29 -21.43
CA GLN B 175 -28.13 -0.13 -20.97
C GLN B 175 -27.30 1.15 -21.04
N LEU B 176 -25.99 1.02 -20.87
CA LEU B 176 -25.10 2.18 -21.00
C LEU B 176 -25.01 2.62 -22.45
N ALA B 177 -24.67 1.67 -23.31
CA ALA B 177 -24.53 1.94 -24.73
C ALA B 177 -25.82 2.44 -25.36
N CYS B 178 -26.96 1.94 -24.85
CA CYS B 178 -28.26 2.39 -25.31
C CYS B 178 -28.52 3.83 -24.87
N ASP B 179 -28.15 4.14 -23.64
CA ASP B 179 -28.31 5.50 -23.10
C ASP B 179 -27.29 6.46 -23.68
N GLY B 180 -26.37 5.92 -24.49
CA GLY B 180 -25.45 6.74 -25.25
C GLY B 180 -24.26 7.28 -24.47
N LEU B 181 -23.51 6.38 -23.85
CA LEU B 181 -22.30 6.77 -23.12
C LEU B 181 -21.21 7.16 -24.12
N LEU B 182 -21.21 6.48 -25.26
CA LEU B 182 -20.20 6.71 -26.29
C LEU B 182 -20.19 8.16 -26.75
N GLY B 183 -21.38 8.76 -26.77
CA GLY B 183 -21.51 10.15 -27.14
C GLY B 183 -20.90 11.06 -26.09
N HIS B 184 -21.03 10.66 -24.83
CA HIS B 184 -20.47 11.44 -23.72
C HIS B 184 -18.95 11.34 -23.70
N LEU B 185 -18.43 10.21 -24.15
CA LEU B 185 -16.98 9.98 -24.18
C LEU B 185 -16.31 10.77 -25.31
N THR B 186 -16.89 10.70 -26.49
CA THR B 186 -16.32 11.35 -27.67
C THR B 186 -16.44 12.87 -27.60
N SER B 187 -17.37 13.36 -26.78
CA SER B 187 -17.66 14.79 -26.72
C SER B 187 -17.24 15.43 -25.40
N ALA B 188 -16.32 14.78 -24.70
CA ALA B 188 -15.80 15.35 -23.45
C ALA B 188 -14.47 16.04 -23.73
N ASN B 189 -14.09 16.97 -22.86
CA ASN B 189 -12.80 17.64 -22.99
C ASN B 189 -11.67 16.63 -22.85
N LEU B 190 -11.93 15.58 -22.08
CA LEU B 190 -10.98 14.48 -21.88
C LEU B 190 -10.59 13.84 -23.21
N ALA B 191 -11.53 13.75 -24.13
CA ALA B 191 -11.27 13.16 -25.44
C ALA B 191 -10.19 13.95 -26.19
N GLY B 192 -10.28 15.27 -26.13
CA GLY B 192 -9.31 16.13 -26.77
C GLY B 192 -7.94 16.02 -26.12
N PHE B 193 -7.93 15.75 -24.83
CA PHE B 193 -6.68 15.60 -24.08
C PHE B 193 -5.93 14.32 -24.45
N MSE B 194 -6.65 13.39 -25.05
CA MSE B 194 -6.07 12.09 -25.41
C MSE B 194 -5.48 12.11 -26.81
O MSE B 194 -4.65 11.27 -27.15
CB MSE B 194 -7.11 10.99 -25.28
CG MSE B 194 -7.48 10.66 -23.85
SE MSE B 194 -8.99 9.43 -23.77
CE MSE B 194 -8.47 8.26 -25.24
N ARG B 195 -5.93 13.06 -27.63
CA ARG B 195 -5.40 13.23 -28.98
C ARG B 195 -3.96 13.75 -28.94
N ARG B 196 -3.54 14.21 -27.76
CA ARG B 196 -2.17 14.69 -27.58
C ARG B 196 -1.16 13.58 -27.80
N ALA B 197 -0.12 13.88 -28.56
CA ALA B 197 0.90 12.88 -28.90
C ALA B 197 1.74 12.46 -27.70
N ASN B 198 1.65 13.24 -26.63
CA ASN B 198 2.40 12.96 -25.41
C ASN B 198 1.63 13.30 -24.15
N ASN B 205 4.02 10.78 -19.78
CA ASN B 205 5.15 10.59 -18.86
C ASN B 205 5.27 11.72 -17.85
N ALA B 206 4.30 12.64 -17.89
CA ALA B 206 4.27 13.77 -16.96
C ALA B 206 2.86 14.29 -16.75
N GLY B 207 2.00 13.45 -16.16
CA GLY B 207 0.62 13.82 -15.90
C GLY B 207 -0.31 13.43 -17.04
N ALA B 208 0.21 13.43 -18.26
CA ALA B 208 -0.57 13.04 -19.43
C ALA B 208 -0.63 11.52 -19.54
N ALA B 209 0.20 10.84 -18.75
CA ALA B 209 0.21 9.38 -18.71
C ALA B 209 -1.09 8.86 -18.09
N ARG B 210 -1.77 9.73 -17.36
CA ARG B 210 -3.07 9.41 -16.78
C ARG B 210 -4.09 9.16 -17.88
N CYS B 211 -3.94 9.87 -19.00
CA CYS B 211 -4.81 9.70 -20.15
C CYS B 211 -4.58 8.35 -20.83
N TYR B 212 -3.36 7.86 -20.77
CA TYR B 212 -3.01 6.57 -21.37
C TYR B 212 -3.65 5.43 -20.60
N ALA B 213 -3.68 5.55 -19.26
CA ALA B 213 -4.31 4.54 -18.41
C ALA B 213 -5.81 4.49 -18.66
N ILE B 214 -6.42 5.68 -18.77
CA ILE B 214 -7.83 5.81 -19.06
C ILE B 214 -8.19 5.15 -20.40
N TRP B 215 -7.37 5.42 -21.41
CA TRP B 215 -7.59 4.86 -22.74
C TRP B 215 -7.46 3.34 -22.75
N ALA B 216 -6.37 2.84 -22.16
CA ALA B 216 -6.08 1.42 -22.19
C ALA B 216 -6.83 0.60 -21.13
N LYS B 217 -6.74 1.02 -19.88
CA LYS B 217 -7.34 0.27 -18.78
C LYS B 217 -8.78 0.70 -18.48
N GLY B 218 -9.33 1.56 -19.33
CA GLY B 218 -10.66 2.07 -19.08
C GLY B 218 -11.55 2.01 -20.31
N ILE B 219 -11.19 2.77 -21.33
CA ILE B 219 -11.99 2.83 -22.55
C ILE B 219 -12.07 1.47 -23.24
N LEU B 220 -10.92 0.91 -23.57
CA LEU B 220 -10.85 -0.34 -24.35
C LEU B 220 -11.58 -1.55 -23.75
N PRO B 221 -11.42 -1.80 -22.44
CA PRO B 221 -12.20 -2.92 -21.89
C PRO B 221 -13.69 -2.60 -21.90
N LEU B 222 -14.02 -1.34 -21.61
CA LEU B 222 -15.40 -0.86 -21.66
C LEU B 222 -15.98 -1.06 -23.05
N LEU B 223 -15.13 -0.90 -24.06
CA LEU B 223 -15.54 -1.13 -25.44
C LEU B 223 -15.77 -2.61 -25.71
N LEU B 224 -14.94 -3.45 -25.12
CA LEU B 224 -15.04 -4.90 -25.30
C LEU B 224 -16.32 -5.46 -24.69
N ASN B 225 -16.75 -4.87 -23.58
CA ASN B 225 -17.94 -5.34 -22.89
C ASN B 225 -19.22 -4.85 -23.55
N ILE B 226 -19.18 -3.62 -24.08
CA ILE B 226 -20.29 -3.10 -24.87
C ILE B 226 -20.43 -3.92 -26.15
N LEU B 227 -19.31 -4.26 -26.77
CA LEU B 227 -19.29 -5.13 -27.93
C LEU B 227 -19.77 -6.53 -27.58
N GLY B 228 -19.68 -6.88 -26.28
CA GLY B 228 -20.15 -8.16 -25.79
C GLY B 228 -21.62 -8.39 -26.09
N ALA B 229 -22.37 -7.30 -26.22
CA ALA B 229 -23.77 -7.36 -26.62
C ALA B 229 -23.99 -6.64 -27.94
N LEU B 230 -23.46 -7.20 -29.02
CA LEU B 230 -23.61 -6.61 -30.35
C LEU B 230 -25.02 -6.81 -30.88
N THR B 233 -27.00 -3.39 -33.08
CA THR B 233 -25.77 -4.17 -33.04
C THR B 233 -24.60 -3.33 -32.55
N ILE B 234 -24.76 -2.01 -32.61
CA ILE B 234 -23.75 -1.03 -32.17
C ILE B 234 -22.31 -1.32 -32.67
N ALA B 235 -22.23 -2.00 -33.81
CA ALA B 235 -20.95 -2.31 -34.41
C ALA B 235 -20.19 -1.08 -34.96
N PRO B 236 -20.87 -0.22 -35.76
CA PRO B 236 -20.11 0.91 -36.28
C PRO B 236 -19.80 1.96 -35.22
N GLU B 237 -20.70 2.14 -34.26
CA GLU B 237 -20.51 3.15 -33.22
C GLU B 237 -19.23 2.91 -32.41
N VAL B 238 -18.85 1.65 -32.27
CA VAL B 238 -17.60 1.29 -31.60
C VAL B 238 -16.40 1.68 -32.45
N ALA B 239 -16.51 1.46 -33.75
CA ALA B 239 -15.46 1.84 -34.70
C ALA B 239 -15.25 3.35 -34.68
N PHE B 240 -16.36 4.08 -34.55
CA PHE B 240 -16.34 5.53 -34.48
C PHE B 240 -15.46 6.03 -33.32
N VAL B 241 -15.56 5.36 -32.19
CA VAL B 241 -14.80 5.72 -31.00
C VAL B 241 -13.30 5.56 -31.21
N LEU B 242 -12.93 4.52 -31.95
CA LEU B 242 -11.52 4.26 -32.25
C LEU B 242 -11.04 5.12 -33.42
N ASN B 243 -11.87 5.22 -34.45
CA ASN B 243 -11.52 5.97 -35.66
C ASN B 243 -11.23 7.44 -35.43
N GLN B 244 -11.73 7.98 -34.32
CA GLN B 244 -11.43 9.37 -33.97
C GLN B 244 -10.34 9.46 -32.91
N PHE B 245 -9.45 8.46 -32.90
CA PHE B 245 -8.24 8.51 -32.07
C PHE B 245 -7.05 7.97 -32.84
N PRO B 246 -6.73 8.58 -34.00
CA PRO B 246 -5.76 8.03 -34.94
C PRO B 246 -4.35 7.93 -34.35
N ASN B 247 -3.92 8.99 -33.66
CA ASN B 247 -2.58 9.05 -33.11
C ASN B 247 -2.32 7.98 -32.04
N LEU B 248 -3.38 7.49 -31.42
CA LEU B 248 -3.26 6.45 -30.41
C LEU B 248 -3.57 5.07 -30.99
N LEU B 249 -4.22 5.05 -32.15
CA LEU B 249 -4.40 3.81 -32.89
C LEU B 249 -3.04 3.34 -33.41
N ARG B 250 -2.29 4.28 -33.97
CA ARG B 250 -0.97 3.99 -34.51
C ARG B 250 0.04 3.71 -33.40
N SER B 251 -0.17 4.34 -32.24
CA SER B 251 0.72 4.15 -31.10
C SER B 251 0.54 2.75 -30.49
N SER B 252 -0.54 2.09 -30.86
CA SER B 252 -0.82 0.74 -30.37
C SER B 252 0.11 -0.28 -31.04
N VAL B 253 0.34 -0.10 -32.33
CA VAL B 253 1.17 -1.01 -33.10
C VAL B 253 2.48 -0.30 -33.52
N ASP B 254 2.98 0.55 -32.63
CA ASP B 254 4.17 1.33 -32.91
C ASP B 254 5.41 0.71 -32.27
N ARG B 255 5.27 0.22 -31.05
CA ARG B 255 6.39 -0.35 -30.30
C ARG B 255 6.88 -1.65 -30.93
N ALA B 282 3.85 -0.95 -13.79
CA ALA B 282 4.70 -0.04 -14.55
C ALA B 282 4.85 -0.49 -16.00
N LEU B 283 3.80 -1.12 -16.53
CA LEU B 283 3.79 -1.61 -17.92
C LEU B 283 2.35 -1.88 -18.36
N VAL B 284 1.97 -1.32 -19.51
CA VAL B 284 0.58 -1.39 -19.97
C VAL B 284 0.46 -1.85 -21.42
N ALA B 285 1.41 -1.41 -22.26
CA ALA B 285 1.34 -1.52 -23.72
C ALA B 285 0.75 -2.80 -24.31
N LEU B 286 0.92 -3.93 -23.64
CA LEU B 286 0.44 -5.21 -24.18
C LEU B 286 -1.02 -5.48 -23.82
N SER B 287 -1.50 -4.84 -22.77
CA SER B 287 -2.88 -5.05 -22.33
C SER B 287 -3.88 -4.36 -23.25
N GLU B 288 -3.43 -3.27 -23.88
CA GLU B 288 -4.30 -2.51 -24.77
C GLU B 288 -4.45 -3.16 -26.14
N VAL B 289 -3.36 -3.71 -26.66
CA VAL B 289 -3.37 -4.30 -27.99
C VAL B 289 -4.16 -5.60 -28.04
N HIS B 290 -4.11 -6.35 -26.94
CA HIS B 290 -4.79 -7.63 -26.85
C HIS B 290 -6.29 -7.50 -27.09
N SER B 291 -6.96 -6.71 -26.24
CA SER B 291 -8.39 -6.49 -26.37
C SER B 291 -8.70 -5.77 -27.68
N LEU B 292 -7.79 -4.90 -28.10
CA LEU B 292 -7.96 -4.16 -29.36
C LEU B 292 -7.89 -5.12 -30.54
N ALA B 293 -7.09 -6.18 -30.39
CA ALA B 293 -7.01 -7.20 -31.42
C ALA B 293 -8.32 -7.96 -31.53
N LEU B 294 -8.91 -8.27 -30.38
CA LEU B 294 -10.20 -8.95 -30.33
C LEU B 294 -11.34 -8.04 -30.77
N LEU B 295 -11.11 -6.73 -30.67
CA LEU B 295 -12.11 -5.74 -31.08
C LEU B 295 -12.31 -5.76 -32.60
N THR B 296 -11.20 -5.88 -33.32
CA THR B 296 -11.24 -5.88 -34.79
C THR B 296 -12.00 -7.09 -35.34
N ARG B 297 -11.80 -8.25 -34.71
CA ARG B 297 -12.43 -9.48 -35.16
C ARG B 297 -13.91 -9.52 -34.80
N VAL B 298 -14.27 -8.81 -33.74
CA VAL B 298 -15.66 -8.82 -33.24
C VAL B 298 -16.59 -8.07 -34.17
N LEU B 299 -16.12 -6.95 -34.72
CA LEU B 299 -16.96 -6.11 -35.58
C LEU B 299 -17.00 -6.62 -37.01
N ALA B 300 -15.83 -6.95 -37.56
CA ALA B 300 -15.72 -7.43 -38.94
C ALA B 300 -16.53 -8.70 -39.16
N ALA B 301 -16.22 -9.73 -38.39
CA ALA B 301 -16.93 -11.01 -38.46
C ALA B 301 -16.99 -11.58 -39.87
N LYS B 366 4.98 -12.75 -17.58
CA LYS B 366 3.68 -12.97 -18.20
C LYS B 366 3.61 -12.29 -19.57
N ALA B 367 4.68 -11.60 -19.93
CA ALA B 367 4.74 -10.88 -21.20
C ALA B 367 4.73 -11.82 -22.39
N VAL B 368 5.42 -12.95 -22.25
CA VAL B 368 5.49 -13.94 -23.32
C VAL B 368 4.14 -14.58 -23.59
N GLY B 369 3.31 -14.66 -22.55
CA GLY B 369 1.99 -15.26 -22.67
C GLY B 369 1.00 -14.36 -23.39
N LEU B 370 1.07 -13.07 -23.10
CA LEU B 370 0.19 -12.09 -23.75
C LEU B 370 0.54 -11.93 -25.23
N LEU B 371 1.82 -12.06 -25.54
CA LEU B 371 2.29 -11.97 -26.92
C LEU B 371 1.88 -13.22 -27.70
N GLU B 372 2.00 -14.38 -27.05
CA GLU B 372 1.61 -15.64 -27.67
C GLU B 372 0.09 -15.76 -27.74
N GLY B 373 -0.57 -15.37 -26.65
CA GLY B 373 -2.02 -15.42 -26.57
C GLY B 373 -2.71 -14.56 -27.60
N ILE B 374 -2.20 -13.35 -27.79
CA ILE B 374 -2.76 -12.43 -28.78
C ILE B 374 -2.50 -12.94 -30.19
N ARG B 375 -1.26 -13.36 -30.44
CA ARG B 375 -0.86 -13.86 -31.75
C ARG B 375 -1.63 -15.14 -32.11
N ASP B 376 -1.81 -16.02 -31.13
CA ASP B 376 -2.56 -17.25 -31.34
C ASP B 376 -4.04 -16.94 -31.60
N VAL B 377 -4.51 -15.83 -31.05
CA VAL B 377 -5.89 -15.42 -31.25
C VAL B 377 -6.04 -14.55 -32.49
N LEU B 378 -4.99 -13.80 -32.82
CA LEU B 378 -5.00 -12.93 -33.99
C LEU B 378 -5.11 -13.73 -35.29
N ALA B 379 -4.43 -14.88 -35.33
CA ALA B 379 -4.46 -15.74 -36.51
C ALA B 379 -5.57 -16.79 -36.40
#